data_1M93
#
_entry.id   1M93
#
_cell.length_a   49.520
_cell.length_b   92.590
_cell.length_c   100.630
_cell.angle_alpha   90.00
_cell.angle_beta   90.00
_cell.angle_gamma   90.00
#
_symmetry.space_group_name_H-M   'P 21 21 21'
#
loop_
_entity.id
_entity.type
_entity.pdbx_description
1 polymer 'Serine proteinase inhibitor 2'
2 polymer 'Serine proteinase inhibitor 2'
3 polymer 'Serine proteinase inhibitor 2'
4 non-polymer 'PHOSPHATE ION'
5 water water
#
loop_
_entity_poly.entity_id
_entity_poly.type
_entity_poly.pdbx_seq_one_letter_code
_entity_poly.pdbx_strand_id
1 'polypeptide(L)' MDIFREIASSMKGENVFISPPSISSVLTILYYGANGSTAEQLSKYVEKEADKNKD A
2 'polypeptide(L)'
;DISFKSMNKVYGRYSAVFKDSFLRKIGDNFQTVDFTDSRTVDAINKSVDIFTEGKINPLLDEPLSPDTSLLAISAVYFKA
KWLMPFEKEFTSDYPFYVSPTEMVDVSMMSMYGEAFNHASVKESFGNFSIIELPYVGDTSMVVILPDNIDGLESIEQNLT
DTNFKKWSDSMDAMFIDVHIPKFKVTGSYNLVDALVKLGLTEVFGSTGDYSNMSNSDVSVDAMIHKTYIDVNEEYTEAAA
ATSAL
;
B
3 'polypeptide(L)' VADSASTVTNEFSADHPFIYVIRHVDGKILFVGRYSSPTTN C
#
loop_
_chem_comp.id
_chem_comp.type
_chem_comp.name
_chem_comp.formula
PO4 non-polymer 'PHOSPHATE ION' 'O4 P -3'
#
# COMPACT_ATOMS: atom_id res chain seq x y z
N MET A 1 -1.44 -9.42 4.66
CA MET A 1 -0.32 -8.72 5.26
C MET A 1 1.00 -9.32 4.80
N ASP A 2 1.01 -10.49 4.14
CA ASP A 2 2.29 -11.09 3.79
C ASP A 2 3.14 -10.22 2.87
N ILE A 3 2.57 -9.54 1.88
CA ILE A 3 3.42 -8.68 1.02
C ILE A 3 4.04 -7.53 1.80
N PHE A 4 3.25 -6.84 2.61
CA PHE A 4 3.77 -5.80 3.52
C PHE A 4 4.92 -6.30 4.38
N ARG A 5 4.74 -7.41 5.08
CA ARG A 5 5.80 -7.93 5.95
C ARG A 5 7.07 -8.21 5.15
N GLU A 6 6.90 -8.74 3.93
CA GLU A 6 8.08 -9.07 3.13
C GLU A 6 8.84 -7.83 2.67
N ILE A 7 8.11 -6.84 2.17
CA ILE A 7 8.74 -5.58 1.75
C ILE A 7 9.40 -4.92 2.95
N ALA A 8 8.65 -4.84 4.05
CA ALA A 8 9.24 -4.22 5.24
C ALA A 8 10.51 -4.90 5.71
N SER A 9 10.50 -6.24 5.74
CA SER A 9 11.66 -6.93 6.31
C SER A 9 12.84 -6.86 5.36
N SER A 10 12.54 -6.53 4.10
CA SER A 10 13.51 -6.40 3.02
C SER A 10 14.17 -5.04 3.03
N MET A 11 13.65 -4.07 3.79
CA MET A 11 14.29 -2.75 3.79
C MET A 11 14.34 -2.24 5.23
N LYS A 12 14.99 -3.02 6.10
CA LYS A 12 15.00 -2.68 7.51
C LYS A 12 15.49 -1.23 7.75
N GLY A 13 14.79 -0.60 8.68
CA GLY A 13 15.02 0.76 9.10
C GLY A 13 14.52 1.81 8.13
N GLU A 14 13.88 1.40 7.03
CA GLU A 14 13.35 2.35 6.07
C GLU A 14 11.84 2.46 6.17
N ASN A 15 11.31 3.64 5.85
CA ASN A 15 9.86 3.79 5.80
C ASN A 15 9.27 2.91 4.70
N VAL A 16 8.05 2.43 4.88
CA VAL A 16 7.37 1.59 3.91
C VAL A 16 5.92 2.06 3.87
N PHE A 17 5.35 2.20 2.66
CA PHE A 17 3.93 2.55 2.57
C PHE A 17 3.38 1.90 1.31
N ILE A 18 2.41 0.99 1.43
CA ILE A 18 1.90 0.32 0.23
C ILE A 18 0.37 0.27 0.24
N SER A 19 -0.21 -0.03 -0.93
CA SER A 19 -1.65 -0.25 -1.03
C SER A 19 -1.92 -1.69 -1.42
N PRO A 20 -2.22 -2.60 -0.50
CA PRO A 20 -2.50 -3.99 -0.86
C PRO A 20 -3.55 -4.16 -1.95
N PRO A 21 -4.66 -3.45 -1.95
CA PRO A 21 -5.65 -3.68 -3.03
C PRO A 21 -5.12 -3.35 -4.41
N SER A 22 -4.31 -2.31 -4.53
CA SER A 22 -3.75 -1.96 -5.83
C SER A 22 -2.90 -3.10 -6.40
N ILE A 23 -2.10 -3.67 -5.48
CA ILE A 23 -1.22 -4.78 -5.86
C ILE A 23 -2.05 -6.00 -6.22
N SER A 24 -3.05 -6.33 -5.41
CA SER A 24 -3.87 -7.49 -5.71
C SER A 24 -4.63 -7.36 -7.02
N SER A 25 -5.00 -6.15 -7.39
CA SER A 25 -5.75 -5.98 -8.64
C SER A 25 -4.90 -6.33 -9.87
N VAL A 26 -3.63 -5.96 -9.82
CA VAL A 26 -2.76 -6.33 -10.95
C VAL A 26 -2.46 -7.82 -10.91
N LEU A 27 -2.21 -8.37 -9.72
CA LEU A 27 -2.00 -9.82 -9.68
C LEU A 27 -3.23 -10.58 -10.17
N THR A 28 -4.44 -10.10 -9.94
CA THR A 28 -5.67 -10.72 -10.39
C THR A 28 -5.72 -10.67 -11.92
N ILE A 29 -5.25 -9.62 -12.57
CA ILE A 29 -5.27 -9.59 -14.05
C ILE A 29 -4.31 -10.64 -14.60
N LEU A 30 -3.15 -10.75 -13.95
CA LEU A 30 -2.20 -11.78 -14.36
C LEU A 30 -2.82 -13.16 -14.20
N TYR A 31 -3.51 -13.37 -13.10
CA TYR A 31 -4.13 -14.66 -12.84
C TYR A 31 -5.13 -15.05 -13.92
N TYR A 32 -5.89 -14.06 -14.41
CA TYR A 32 -6.83 -14.39 -15.50
C TYR A 32 -6.12 -14.87 -16.76
N GLY A 33 -4.89 -14.49 -17.06
CA GLY A 33 -4.28 -14.92 -18.33
C GLY A 33 -3.29 -16.07 -18.12
N ALA A 34 -3.19 -16.47 -16.86
CA ALA A 34 -2.17 -17.40 -16.45
C ALA A 34 -2.61 -18.85 -16.65
N ASN A 35 -1.63 -19.75 -16.69
CA ASN A 35 -1.97 -21.18 -16.82
C ASN A 35 -1.00 -22.02 -16.01
N GLY A 36 -1.35 -23.26 -15.69
CA GLY A 36 -0.46 -24.15 -14.94
C GLY A 36 0.03 -23.62 -13.62
N SER A 37 1.30 -23.82 -13.30
CA SER A 37 1.84 -23.43 -12.01
C SER A 37 1.74 -21.94 -11.79
N THR A 38 1.80 -21.18 -12.88
CA THR A 38 1.65 -19.73 -12.77
C THR A 38 0.32 -19.30 -12.18
N ALA A 39 -0.78 -19.85 -12.67
CA ALA A 39 -2.09 -19.53 -12.14
C ALA A 39 -2.22 -19.98 -10.70
N GLU A 40 -1.69 -21.18 -10.43
CA GLU A 40 -1.80 -21.72 -9.06
C GLU A 40 -1.05 -20.82 -8.08
N GLN A 41 0.11 -20.29 -8.51
CA GLN A 41 0.85 -19.47 -7.55
C GLN A 41 0.17 -18.14 -7.36
N LEU A 42 -0.49 -17.65 -8.40
CA LEU A 42 -1.15 -16.34 -8.27
C LEU A 42 -2.51 -16.43 -7.58
N SER A 43 -3.17 -17.61 -7.56
CA SER A 43 -4.54 -17.66 -7.08
C SER A 43 -4.71 -17.13 -5.66
N LYS A 44 -3.72 -17.34 -4.79
CA LYS A 44 -3.86 -16.82 -3.42
C LYS A 44 -4.09 -15.32 -3.40
N TYR A 45 -3.62 -14.62 -4.44
CA TYR A 45 -3.67 -13.17 -4.37
C TYR A 45 -4.87 -12.54 -5.05
N VAL A 46 -5.76 -13.35 -5.61
CA VAL A 46 -6.86 -12.88 -6.46
C VAL A 46 -7.90 -12.19 -5.60
N ASP B 1 -15.44 5.32 -3.84
CA ASP B 1 -16.09 4.90 -2.60
C ASP B 1 -16.61 6.10 -1.80
N ILE B 2 -16.18 7.28 -2.19
CA ILE B 2 -16.39 8.59 -1.61
C ILE B 2 -15.06 9.10 -1.02
N SER B 3 -14.37 8.25 -0.26
CA SER B 3 -13.02 8.68 0.12
C SER B 3 -11.98 7.94 -0.72
N PHE B 4 -12.30 6.72 -1.13
CA PHE B 4 -11.33 5.87 -1.80
C PHE B 4 -11.84 5.54 -3.19
N LYS B 5 -11.01 5.72 -4.19
CA LYS B 5 -11.40 5.38 -5.56
C LYS B 5 -10.31 4.52 -6.18
N SER B 6 -10.71 3.65 -7.10
CA SER B 6 -9.69 2.79 -7.70
C SER B 6 -9.97 2.63 -9.19
N MET B 7 -8.95 2.35 -9.99
CA MET B 7 -9.17 1.99 -11.38
C MET B 7 -8.11 0.99 -11.84
N ASN B 8 -8.44 0.26 -12.91
CA ASN B 8 -7.45 -0.64 -13.50
C ASN B 8 -7.56 -0.47 -15.02
N LYS B 9 -6.42 -0.63 -15.66
CA LYS B 9 -6.37 -0.54 -17.12
C LYS B 9 -5.43 -1.63 -17.61
N VAL B 10 -5.86 -2.24 -18.72
CA VAL B 10 -4.98 -3.25 -19.33
C VAL B 10 -4.71 -2.84 -20.78
N TYR B 11 -3.44 -2.90 -21.19
CA TYR B 11 -3.01 -2.50 -22.51
C TYR B 11 -2.28 -3.67 -23.16
N GLY B 12 -2.79 -4.08 -24.32
CA GLY B 12 -2.22 -5.20 -25.06
C GLY B 12 -1.64 -4.73 -26.38
N ARG B 13 -0.56 -5.37 -26.84
CA ARG B 13 0.01 -4.89 -28.11
C ARG B 13 -0.97 -5.23 -29.24
N TYR B 14 -1.15 -4.24 -30.11
CA TYR B 14 -2.17 -4.35 -31.16
C TYR B 14 -1.89 -5.53 -32.10
N SER B 15 -0.64 -6.00 -32.15
CA SER B 15 -0.31 -7.01 -33.15
C SER B 15 -0.53 -8.41 -32.59
N ALA B 16 -0.92 -8.49 -31.32
CA ALA B 16 -1.22 -9.81 -30.75
C ALA B 16 -2.70 -10.17 -30.89
N VAL B 17 -2.97 -11.47 -30.89
CA VAL B 17 -4.37 -11.91 -30.99
C VAL B 17 -4.78 -12.40 -29.61
N PHE B 18 -5.77 -11.78 -28.98
CA PHE B 18 -6.12 -12.10 -27.61
C PHE B 18 -7.22 -13.13 -27.49
N LYS B 19 -7.22 -13.85 -26.39
CA LYS B 19 -8.25 -14.87 -26.13
C LYS B 19 -9.47 -14.27 -25.46
N ASP B 20 -10.68 -14.63 -25.93
CA ASP B 20 -11.85 -13.90 -25.45
C ASP B 20 -12.12 -14.20 -23.99
N SER B 21 -11.71 -15.36 -23.51
CA SER B 21 -11.96 -15.68 -22.09
C SER B 21 -11.22 -14.72 -21.16
N PHE B 22 -9.96 -14.47 -21.49
CA PHE B 22 -9.19 -13.49 -20.74
C PHE B 22 -9.83 -12.12 -20.81
N LEU B 23 -10.25 -11.69 -22.01
CA LEU B 23 -10.82 -10.36 -22.22
C LEU B 23 -12.12 -10.25 -21.47
N ARG B 24 -12.88 -11.35 -21.41
CA ARG B 24 -14.15 -11.21 -20.68
C ARG B 24 -13.90 -11.01 -19.18
N LYS B 25 -12.93 -11.73 -18.63
CA LYS B 25 -12.62 -11.58 -17.21
C LYS B 25 -12.13 -10.18 -16.89
N ILE B 26 -11.44 -9.53 -17.81
CA ILE B 26 -10.90 -8.17 -17.60
C ILE B 26 -11.97 -7.09 -17.67
N GLY B 27 -13.07 -7.40 -18.36
CA GLY B 27 -14.11 -6.40 -18.56
C GLY B 27 -13.73 -5.31 -19.55
N ASP B 28 -14.41 -4.18 -19.39
CA ASP B 28 -14.19 -3.04 -20.25
C ASP B 28 -13.10 -2.11 -19.72
N ASN B 29 -11.99 -2.70 -19.31
CA ASN B 29 -10.77 -2.06 -18.88
C ASN B 29 -9.62 -2.41 -19.83
N PHE B 30 -9.93 -2.83 -21.04
CA PHE B 30 -8.88 -3.29 -21.97
C PHE B 30 -8.82 -2.44 -23.24
N GLN B 31 -7.60 -2.18 -23.71
CA GLN B 31 -7.45 -1.59 -25.05
C GLN B 31 -6.14 -2.08 -25.62
N THR B 32 -6.03 -2.01 -26.94
CA THR B 32 -4.75 -2.42 -27.55
C THR B 32 -3.96 -1.16 -27.85
N VAL B 33 -2.65 -1.28 -27.88
CA VAL B 33 -1.83 -0.09 -28.09
C VAL B 33 -0.60 -0.46 -28.92
N ASP B 34 0.10 0.57 -29.34
CA ASP B 34 1.34 0.37 -30.07
C ASP B 34 2.51 0.70 -29.15
N PHE B 35 3.22 -0.28 -28.59
CA PHE B 35 4.30 0.07 -27.66
C PHE B 35 5.51 0.67 -28.39
N THR B 36 5.52 0.73 -29.72
CA THR B 36 6.66 1.36 -30.39
C THR B 36 6.44 2.87 -30.50
N ASP B 37 5.26 3.34 -30.10
CA ASP B 37 4.98 4.77 -30.17
C ASP B 37 5.23 5.45 -28.83
N SER B 38 6.13 6.42 -28.81
CA SER B 38 6.59 7.14 -27.63
C SER B 38 5.49 7.85 -26.85
N ARG B 39 4.44 8.30 -27.54
CA ARG B 39 3.42 9.01 -26.75
C ARG B 39 2.56 8.01 -25.98
N THR B 40 2.73 6.73 -26.28
CA THR B 40 1.93 5.73 -25.56
C THR B 40 2.22 5.81 -24.06
N VAL B 41 3.50 5.80 -23.66
CA VAL B 41 3.79 5.88 -22.23
C VAL B 41 3.29 7.23 -21.70
N ASP B 42 3.43 8.29 -22.48
CA ASP B 42 2.97 9.60 -22.01
C ASP B 42 1.47 9.58 -21.70
N ALA B 43 0.69 8.96 -22.56
CA ALA B 43 -0.76 8.92 -22.34
C ALA B 43 -1.09 8.05 -21.14
N ILE B 44 -0.41 6.91 -20.93
CA ILE B 44 -0.72 6.10 -19.72
C ILE B 44 -0.36 6.85 -18.47
N ASN B 45 0.84 7.46 -18.44
CA ASN B 45 1.24 8.29 -17.30
C ASN B 45 0.26 9.42 -17.04
N LYS B 46 -0.26 10.07 -18.09
CA LYS B 46 -1.18 11.19 -17.84
C LYS B 46 -2.48 10.70 -17.20
N SER B 47 -2.93 9.54 -17.64
CA SER B 47 -4.12 8.89 -17.06
C SER B 47 -3.95 8.70 -15.55
N VAL B 48 -2.81 8.14 -15.16
CA VAL B 48 -2.58 7.88 -13.72
C VAL B 48 -2.38 9.17 -12.93
N ASP B 49 -1.69 10.12 -13.52
CA ASP B 49 -1.47 11.45 -12.94
C ASP B 49 -2.80 12.10 -12.61
N ILE B 50 -3.69 12.09 -13.62
CA ILE B 50 -4.97 12.75 -13.35
C ILE B 50 -5.77 11.98 -12.31
N PHE B 51 -5.83 10.66 -12.41
CA PHE B 51 -6.61 9.88 -11.43
C PHE B 51 -6.13 10.07 -9.99
N THR B 52 -4.83 10.19 -9.79
CA THR B 52 -4.25 10.29 -8.45
C THR B 52 -4.03 11.76 -8.04
N GLU B 53 -4.70 12.68 -8.72
CA GLU B 53 -4.66 14.10 -8.39
C GLU B 53 -3.21 14.59 -8.30
N GLY B 54 -2.39 14.10 -9.23
CA GLY B 54 -1.00 14.49 -9.44
C GLY B 54 0.00 13.78 -8.54
N LYS B 55 -0.46 12.86 -7.70
CA LYS B 55 0.47 12.39 -6.65
C LYS B 55 1.30 11.23 -7.12
N ILE B 56 0.88 10.52 -8.17
CA ILE B 56 1.73 9.47 -8.75
C ILE B 56 2.01 9.93 -10.18
N ASN B 57 3.22 10.44 -10.38
CA ASN B 57 3.52 10.97 -11.70
C ASN B 57 5.02 11.15 -11.86
N PRO B 58 5.68 10.42 -12.75
CA PRO B 58 5.08 9.38 -13.61
C PRO B 58 5.10 7.98 -13.02
N LEU B 59 4.10 7.16 -13.30
CA LEU B 59 4.18 5.76 -12.89
C LEU B 59 5.31 5.04 -13.63
N LEU B 60 5.31 5.23 -14.95
CA LEU B 60 6.29 4.57 -15.82
C LEU B 60 7.41 5.55 -16.15
N ASP B 61 8.59 5.34 -15.58
CA ASP B 61 9.69 6.29 -15.55
C ASP B 61 10.81 5.83 -16.48
N GLU B 62 10.55 4.70 -17.13
CA GLU B 62 11.47 4.19 -18.15
C GLU B 62 10.73 4.19 -19.48
N PRO B 63 11.39 4.37 -20.61
CA PRO B 63 10.67 4.17 -21.88
C PRO B 63 10.21 2.71 -21.86
N LEU B 64 9.07 2.39 -22.46
CA LEU B 64 8.63 1.00 -22.51
C LEU B 64 9.35 0.26 -23.63
N SER B 65 9.66 -1.00 -23.34
CA SER B 65 10.21 -1.84 -24.41
C SER B 65 9.22 -1.94 -25.56
N PRO B 66 9.67 -1.64 -26.77
CA PRO B 66 8.83 -1.84 -27.95
C PRO B 66 8.32 -3.27 -28.11
N ASP B 67 8.91 -4.26 -27.43
CA ASP B 67 8.51 -5.66 -27.46
C ASP B 67 7.57 -6.08 -26.33
N THR B 68 7.14 -5.13 -25.52
CA THR B 68 6.10 -5.39 -24.51
C THR B 68 4.89 -6.04 -25.12
N SER B 69 4.26 -7.03 -24.49
CA SER B 69 3.02 -7.60 -25.04
C SER B 69 1.77 -7.22 -24.25
N LEU B 70 1.92 -7.09 -22.94
CA LEU B 70 0.84 -6.67 -22.06
C LEU B 70 1.38 -5.84 -20.88
N LEU B 71 0.64 -4.76 -20.64
CA LEU B 71 0.88 -3.86 -19.51
C LEU B 71 -0.39 -3.81 -18.69
N ALA B 72 -0.30 -4.19 -17.42
CA ALA B 72 -1.48 -4.13 -16.54
C ALA B 72 -1.22 -3.09 -15.45
N ILE B 73 -2.17 -2.16 -15.24
CA ILE B 73 -1.96 -1.11 -14.23
C ILE B 73 -3.18 -0.98 -13.33
N SER B 74 -2.91 -0.56 -12.09
CA SER B 74 -3.94 -0.22 -11.13
C SER B 74 -3.54 1.12 -10.53
N ALA B 75 -4.54 1.91 -10.18
CA ALA B 75 -4.26 3.12 -9.43
C ALA B 75 -5.37 3.29 -8.39
N VAL B 76 -4.99 3.84 -7.24
CA VAL B 76 -5.93 4.11 -6.17
C VAL B 76 -5.63 5.47 -5.57
N TYR B 77 -6.67 6.08 -5.01
CA TYR B 77 -6.60 7.45 -4.50
C TYR B 77 -7.52 7.55 -3.29
N PHE B 78 -7.05 8.24 -2.26
CA PHE B 78 -7.75 8.42 -1.00
C PHE B 78 -7.54 9.82 -0.46
N LYS B 79 -8.61 10.49 -0.04
CA LYS B 79 -8.39 11.74 0.71
C LYS B 79 -9.56 11.94 1.66
N ALA B 80 -9.32 12.19 2.95
CA ALA B 80 -10.40 12.42 3.89
C ALA B 80 -9.91 13.28 5.04
N LYS B 81 -10.82 14.15 5.49
CA LYS B 81 -10.52 14.96 6.65
C LYS B 81 -10.60 14.10 7.90
N TRP B 82 -9.79 14.43 8.91
CA TRP B 82 -10.03 13.74 10.19
C TRP B 82 -11.42 14.08 10.74
N LEU B 83 -12.02 13.12 11.44
CA LEU B 83 -13.31 13.41 12.09
C LEU B 83 -13.09 14.52 13.12
N MET B 84 -11.98 14.42 13.84
CA MET B 84 -11.49 15.41 14.77
C MET B 84 -10.09 15.86 14.37
N PRO B 85 -9.98 16.98 13.68
CA PRO B 85 -8.69 17.49 13.22
C PRO B 85 -7.76 17.85 14.38
N PHE B 86 -6.45 17.77 14.14
CA PHE B 86 -5.48 18.27 15.11
C PHE B 86 -5.42 19.80 15.05
N GLU B 87 -5.15 20.42 16.20
CA GLU B 87 -4.92 21.86 16.27
C GLU B 87 -3.46 22.18 15.95
N LYS B 88 -3.18 22.97 14.91
CA LYS B 88 -1.79 23.28 14.58
C LYS B 88 -1.00 23.91 15.71
N GLU B 89 -1.76 24.64 16.54
CA GLU B 89 -1.28 25.32 17.72
C GLU B 89 -0.53 24.33 18.61
N PHE B 90 -0.98 23.07 18.58
CA PHE B 90 -0.33 22.09 19.45
C PHE B 90 0.79 21.34 18.74
N THR B 91 1.01 21.58 17.46
CA THR B 91 2.07 20.85 16.76
C THR B 91 3.44 21.39 17.13
N SER B 92 4.41 20.52 17.38
CA SER B 92 5.73 21.08 17.73
C SER B 92 6.84 20.02 17.55
N ASP B 93 8.07 20.49 17.58
CA ASP B 93 9.25 19.66 17.44
C ASP B 93 9.42 18.69 18.61
N TYR B 94 9.61 17.41 18.34
CA TYR B 94 9.80 16.38 19.33
C TYR B 94 10.95 15.49 18.86
N PRO B 95 11.61 14.85 19.79
CA PRO B 95 12.55 13.79 19.40
C PRO B 95 11.78 12.54 18.94
N PHE B 96 12.25 11.98 17.81
CA PHE B 96 11.78 10.68 17.33
C PHE B 96 12.95 9.70 17.50
N TYR B 97 12.74 8.62 18.25
CA TYR B 97 13.81 7.64 18.44
C TYR B 97 13.85 6.63 17.29
N VAL B 98 14.69 6.95 16.30
CA VAL B 98 14.81 6.02 15.16
C VAL B 98 15.47 4.74 15.62
N SER B 99 16.32 4.91 16.63
CA SER B 99 16.79 3.80 17.46
C SER B 99 16.81 4.27 18.92
N PRO B 100 16.98 3.42 19.92
CA PRO B 100 16.82 3.87 21.33
C PRO B 100 17.78 4.98 21.73
N THR B 101 18.92 5.13 21.04
CA THR B 101 19.82 6.24 21.40
C THR B 101 20.13 7.16 20.22
N GLU B 102 19.25 7.13 19.20
CA GLU B 102 19.40 8.09 18.10
C GLU B 102 18.07 8.84 17.91
N MET B 103 18.10 10.14 18.22
CA MET B 103 16.94 11.02 18.15
C MET B 103 17.01 11.92 16.92
N VAL B 104 15.89 12.03 16.22
CA VAL B 104 15.79 12.80 14.99
C VAL B 104 14.56 13.70 15.13
N ASP B 105 14.70 14.96 14.73
CA ASP B 105 13.58 15.87 14.94
C ASP B 105 12.33 15.51 14.13
N VAL B 106 11.17 15.56 14.74
CA VAL B 106 9.90 15.38 14.04
C VAL B 106 8.92 16.48 14.42
N SER B 107 8.07 16.83 13.46
CA SER B 107 6.94 17.70 13.78
C SER B 107 5.82 16.81 14.34
N MET B 108 5.53 16.90 15.62
CA MET B 108 4.57 16.01 16.26
C MET B 108 3.23 16.68 16.46
N MET B 109 2.18 16.05 15.96
CA MET B 109 0.84 16.59 16.20
C MET B 109 0.36 16.05 17.55
N SER B 110 -0.41 16.86 18.26
CA SER B 110 -0.86 16.41 19.60
C SER B 110 -2.33 16.76 19.82
N MET B 111 -3.04 15.85 20.47
CA MET B 111 -4.43 16.12 20.82
C MET B 111 -4.65 15.58 22.24
N TYR B 112 -5.23 16.46 23.07
CA TYR B 112 -5.36 16.14 24.49
C TYR B 112 -6.81 15.92 24.93
N GLY B 113 -6.99 14.91 25.76
CA GLY B 113 -8.20 14.75 26.56
C GLY B 113 -9.38 14.18 25.83
N GLU B 114 -9.19 13.79 24.56
CA GLU B 114 -10.30 13.22 23.80
C GLU B 114 -10.35 11.69 23.93
N ALA B 115 -11.49 11.14 23.54
CA ALA B 115 -11.72 9.71 23.55
C ALA B 115 -11.59 9.07 22.16
N PHE B 116 -10.90 7.94 22.17
CA PHE B 116 -10.63 7.14 20.98
C PHE B 116 -10.75 5.65 21.31
N ASN B 117 -11.14 4.86 20.30
CA ASN B 117 -11.03 3.41 20.38
C ASN B 117 -9.56 3.04 20.56
N HIS B 118 -9.31 2.16 21.53
CA HIS B 118 -7.95 1.85 21.95
C HIS B 118 -7.93 0.50 22.62
N ALA B 119 -6.80 -0.19 22.47
CA ALA B 119 -6.56 -1.39 23.25
C ALA B 119 -5.10 -1.51 23.65
N SER B 120 -4.87 -2.13 24.79
CA SER B 120 -3.55 -2.53 25.22
C SER B 120 -3.36 -4.01 24.94
N VAL B 121 -2.42 -4.39 24.09
CA VAL B 121 -2.40 -5.80 23.70
C VAL B 121 -1.14 -6.46 24.25
N LYS B 122 -1.36 -7.64 24.83
CA LYS B 122 -0.28 -8.43 25.38
C LYS B 122 -0.10 -9.65 24.48
N GLU B 123 1.13 -9.85 23.97
CA GLU B 123 1.40 -10.98 23.10
C GLU B 123 2.78 -11.51 23.44
N SER B 124 2.94 -12.78 23.06
CA SER B 124 4.25 -13.38 23.25
C SER B 124 5.33 -12.73 22.40
N PHE B 125 4.95 -12.05 21.32
CA PHE B 125 5.98 -11.47 20.45
C PHE B 125 6.11 -9.98 20.71
N GLY B 126 5.51 -9.54 21.82
CA GLY B 126 5.65 -8.14 22.20
C GLY B 126 4.33 -7.51 22.60
N ASN B 127 4.35 -6.61 23.59
CA ASN B 127 3.21 -5.87 24.08
C ASN B 127 3.12 -4.53 23.36
N PHE B 128 1.87 -4.14 23.10
CA PHE B 128 1.75 -2.88 22.35
C PHE B 128 0.38 -2.26 22.59
N SER B 129 0.21 -1.05 22.09
CA SER B 129 -1.07 -0.41 22.06
C SER B 129 -1.50 -0.11 20.61
N ILE B 130 -2.82 -0.05 20.47
CA ILE B 130 -3.40 0.18 19.15
C ILE B 130 -4.51 1.22 19.36
N ILE B 131 -4.60 2.16 18.47
CA ILE B 131 -5.60 3.22 18.54
C ILE B 131 -6.22 3.41 17.17
N GLU B 132 -7.46 3.93 17.17
CA GLU B 132 -8.13 4.20 15.92
C GLU B 132 -8.45 5.66 15.80
N LEU B 133 -8.00 6.29 14.71
CA LEU B 133 -8.24 7.72 14.46
C LEU B 133 -9.22 7.79 13.32
N PRO B 134 -10.51 8.09 13.53
CA PRO B 134 -11.46 8.09 12.42
C PRO B 134 -11.37 9.30 11.47
N TYR B 135 -11.68 9.06 10.21
CA TYR B 135 -11.87 10.06 9.17
C TYR B 135 -13.37 10.37 9.05
N VAL B 136 -13.70 11.52 8.51
CA VAL B 136 -15.08 11.78 8.12
C VAL B 136 -15.48 10.67 7.17
N GLY B 137 -16.61 9.99 7.39
CA GLY B 137 -17.09 9.00 6.43
C GLY B 137 -17.00 7.61 7.01
N ASP B 138 -16.44 6.62 6.32
CA ASP B 138 -16.42 5.28 6.90
C ASP B 138 -15.02 4.67 6.85
N THR B 139 -13.99 5.50 7.01
CA THR B 139 -12.63 4.97 7.07
C THR B 139 -11.98 5.49 8.35
N SER B 140 -10.85 4.85 8.68
CA SER B 140 -10.07 5.30 9.83
C SER B 140 -8.61 4.88 9.60
N MET B 141 -7.75 5.47 10.41
CA MET B 141 -6.34 5.09 10.52
C MET B 141 -6.16 4.37 11.85
N VAL B 142 -5.62 3.17 11.79
CA VAL B 142 -5.33 2.39 12.99
C VAL B 142 -3.83 2.40 13.19
N VAL B 143 -3.34 2.79 14.36
CA VAL B 143 -1.89 2.90 14.61
C VAL B 143 -1.46 1.88 15.66
N ILE B 144 -0.42 1.13 15.42
CA ILE B 144 0.14 0.10 16.30
C ILE B 144 1.48 0.55 16.84
N LEU B 145 1.58 0.71 18.16
CA LEU B 145 2.77 1.33 18.75
C LEU B 145 3.36 0.40 19.81
N PRO B 146 4.55 -0.17 19.63
CA PRO B 146 5.08 -1.08 20.64
C PRO B 146 5.25 -0.38 21.97
N ASP B 147 5.07 -1.14 23.05
CA ASP B 147 5.39 -0.59 24.38
C ASP B 147 6.90 -0.41 24.58
N ASN B 148 7.70 -1.24 23.94
CA ASN B 148 9.15 -1.10 24.08
C ASN B 148 9.73 -0.23 22.98
N ILE B 149 10.65 0.63 23.36
CA ILE B 149 11.13 1.68 22.45
C ILE B 149 11.74 1.05 21.21
N ASP B 150 12.20 -0.21 21.20
CA ASP B 150 12.52 -0.63 19.82
C ASP B 150 11.95 -2.03 19.59
N GLY B 151 10.65 -2.10 19.89
CA GLY B 151 9.95 -3.36 19.91
C GLY B 151 9.14 -3.68 18.69
N LEU B 152 9.29 -2.91 17.60
CA LEU B 152 8.36 -3.14 16.48
C LEU B 152 8.62 -4.39 15.66
N GLU B 153 9.88 -4.75 15.39
CA GLU B 153 10.12 -5.82 14.42
C GLU B 153 9.42 -7.13 14.77
N SER B 154 9.42 -7.55 16.04
CA SER B 154 8.76 -8.82 16.34
C SER B 154 7.24 -8.71 16.23
N ILE B 155 6.71 -7.49 16.43
CA ILE B 155 5.25 -7.34 16.25
C ILE B 155 4.93 -7.32 14.75
N GLU B 156 5.68 -6.54 14.00
CA GLU B 156 5.59 -6.43 12.55
C GLU B 156 5.56 -7.82 11.92
N GLN B 157 6.52 -8.63 12.39
CA GLN B 157 6.63 -9.90 11.63
C GLN B 157 5.58 -10.88 12.11
N ASN B 158 4.72 -10.48 13.06
CA ASN B 158 3.56 -11.30 13.42
C ASN B 158 2.28 -10.59 13.03
N LEU B 159 2.44 -9.57 12.18
CA LEU B 159 1.18 -8.89 11.79
C LEU B 159 0.54 -9.68 10.66
N THR B 160 -0.65 -10.24 10.91
CA THR B 160 -1.41 -10.95 9.90
C THR B 160 -2.79 -10.31 9.77
N ASP B 161 -3.50 -10.60 8.68
CA ASP B 161 -4.85 -10.05 8.60
C ASP B 161 -5.73 -10.50 9.77
N THR B 162 -5.56 -11.76 10.18
CA THR B 162 -6.36 -12.28 11.31
C THR B 162 -6.03 -11.64 12.64
N ASN B 163 -4.76 -11.50 13.02
CA ASN B 163 -4.29 -10.80 14.20
C ASN B 163 -4.81 -9.36 14.29
N PHE B 164 -4.61 -8.67 13.17
CA PHE B 164 -5.03 -7.27 13.05
C PHE B 164 -6.51 -7.12 13.35
N LYS B 165 -7.35 -8.00 12.79
CA LYS B 165 -8.78 -7.95 13.03
C LYS B 165 -9.07 -8.24 14.50
N LYS B 166 -8.34 -9.23 15.02
CA LYS B 166 -8.50 -9.57 16.44
C LYS B 166 -8.17 -8.38 17.33
N TRP B 167 -7.04 -7.73 17.08
CA TRP B 167 -6.71 -6.60 17.97
C TRP B 167 -7.66 -5.43 17.80
N SER B 168 -8.00 -5.14 16.55
CA SER B 168 -8.93 -4.05 16.30
C SER B 168 -10.29 -4.27 16.95
N ASP B 169 -10.76 -5.52 16.90
CA ASP B 169 -12.06 -5.86 17.47
C ASP B 169 -12.04 -5.64 18.97
N SER B 170 -10.89 -5.77 19.64
CA SER B 170 -10.81 -5.61 21.08
C SER B 170 -10.78 -4.17 21.57
N MET B 171 -10.71 -3.16 20.69
CA MET B 171 -10.63 -1.76 21.10
C MET B 171 -11.92 -1.30 21.77
N ASP B 172 -11.87 -0.43 22.77
CA ASP B 172 -13.04 0.17 23.38
C ASP B 172 -12.76 1.66 23.56
N ALA B 173 -13.79 2.46 23.72
CA ALA B 173 -13.55 3.89 23.90
C ALA B 173 -12.86 4.26 25.20
N MET B 174 -11.77 5.02 25.13
CA MET B 174 -11.02 5.44 26.31
C MET B 174 -10.48 6.85 26.14
N PHE B 175 -10.43 7.63 27.18
CA PHE B 175 -9.78 8.95 27.09
C PHE B 175 -8.28 8.73 27.02
N ILE B 176 -7.62 9.32 26.02
CA ILE B 176 -6.19 9.14 25.90
C ILE B 176 -5.62 10.33 25.14
N ASP B 177 -4.45 10.81 25.56
CA ASP B 177 -3.81 11.89 24.79
C ASP B 177 -3.05 11.27 23.63
N VAL B 178 -3.09 11.89 22.46
CA VAL B 178 -2.47 11.30 21.27
C VAL B 178 -1.38 12.19 20.69
N HIS B 179 -0.22 11.63 20.37
CA HIS B 179 0.87 12.36 19.74
C HIS B 179 1.32 11.52 18.54
N ILE B 180 1.21 12.11 17.35
CA ILE B 180 1.65 11.36 16.19
C ILE B 180 2.31 12.30 15.18
N PRO B 181 3.36 11.88 14.50
CA PRO B 181 4.01 12.76 13.51
C PRO B 181 3.10 13.20 12.37
N LYS B 182 3.34 14.43 11.93
CA LYS B 182 2.90 14.92 10.62
C LYS B 182 3.92 14.44 9.60
N PHE B 183 3.55 13.89 8.45
CA PHE B 183 4.59 13.36 7.56
C PHE B 183 4.03 13.20 6.15
N LYS B 184 4.94 13.31 5.19
CA LYS B 184 4.76 13.00 3.80
C LYS B 184 5.82 11.96 3.39
N VAL B 185 5.41 10.93 2.66
CA VAL B 185 6.41 9.97 2.23
C VAL B 185 6.01 9.52 0.81
N THR B 186 7.03 9.34 -0.03
CA THR B 186 6.79 8.72 -1.32
C THR B 186 7.57 7.41 -1.34
N GLY B 187 6.98 6.35 -1.91
CA GLY B 187 7.72 5.11 -1.98
C GLY B 187 7.77 4.63 -3.42
N SER B 188 8.79 3.84 -3.74
CA SER B 188 8.79 3.13 -5.02
C SER B 188 9.38 1.75 -4.78
N TYR B 189 8.67 0.69 -5.14
CA TYR B 189 9.07 -0.68 -4.82
C TYR B 189 9.07 -1.57 -6.05
N ASN B 190 10.12 -2.36 -6.15
CA ASN B 190 10.23 -3.45 -7.11
C ASN B 190 9.58 -4.66 -6.49
N LEU B 191 8.35 -5.03 -6.91
CA LEU B 191 7.69 -6.13 -6.21
C LEU B 191 8.19 -7.51 -6.61
N VAL B 192 8.94 -7.64 -7.70
CA VAL B 192 9.35 -8.99 -8.13
C VAL B 192 10.14 -9.70 -7.05
N ASP B 193 11.15 -9.05 -6.45
CA ASP B 193 11.94 -9.85 -5.49
C ASP B 193 11.16 -10.30 -4.26
N ALA B 194 10.30 -9.41 -3.76
CA ALA B 194 9.47 -9.78 -2.62
C ALA B 194 8.52 -10.91 -2.94
N LEU B 195 7.86 -10.84 -4.11
CA LEU B 195 6.89 -11.86 -4.47
C LEU B 195 7.59 -13.19 -4.77
N VAL B 196 8.78 -13.14 -5.37
CA VAL B 196 9.52 -14.40 -5.53
C VAL B 196 9.76 -14.96 -4.12
N LYS B 197 10.19 -14.13 -3.16
CA LYS B 197 10.51 -14.67 -1.84
C LYS B 197 9.26 -15.23 -1.18
N LEU B 198 8.09 -14.77 -1.58
CA LEU B 198 6.85 -15.30 -1.06
C LEU B 198 6.36 -16.56 -1.78
N GLY B 199 7.08 -17.03 -2.80
CA GLY B 199 6.60 -18.25 -3.47
C GLY B 199 6.16 -18.02 -4.90
N LEU B 200 6.16 -16.79 -5.41
CA LEU B 200 5.76 -16.63 -6.81
C LEU B 200 6.96 -16.84 -7.71
N THR B 201 7.37 -18.10 -7.87
CA THR B 201 8.60 -18.43 -8.59
C THR B 201 8.39 -18.70 -10.07
N GLU B 202 7.13 -18.76 -10.50
CA GLU B 202 6.86 -18.99 -11.91
C GLU B 202 5.81 -18.01 -12.43
N VAL B 203 6.05 -16.75 -12.09
CA VAL B 203 5.21 -15.63 -12.46
C VAL B 203 5.96 -14.61 -13.30
N PHE B 204 7.20 -14.28 -12.93
CA PHE B 204 7.96 -13.25 -13.63
C PHE B 204 9.02 -13.92 -14.49
N GLY B 205 9.30 -13.41 -15.67
CA GLY B 205 10.33 -13.95 -16.54
C GLY B 205 9.88 -15.14 -17.36
N SER B 206 10.83 -15.93 -17.85
CA SER B 206 10.54 -16.99 -18.82
C SER B 206 9.68 -18.11 -18.28
N THR B 207 9.69 -18.36 -16.98
CA THR B 207 8.88 -19.46 -16.47
C THR B 207 7.43 -19.00 -16.40
N GLY B 208 7.16 -17.70 -16.58
CA GLY B 208 5.76 -17.33 -16.45
C GLY B 208 4.96 -17.81 -17.66
N ASP B 209 3.91 -18.58 -17.38
CA ASP B 209 2.98 -19.07 -18.39
C ASP B 209 1.71 -18.24 -18.47
N TYR B 210 1.62 -17.35 -19.45
CA TYR B 210 0.42 -16.55 -19.71
C TYR B 210 -0.23 -16.93 -21.03
N SER B 211 -0.21 -18.22 -21.34
CA SER B 211 -0.68 -18.73 -22.62
C SER B 211 -2.19 -18.56 -22.72
N ASN B 212 -2.86 -18.29 -21.60
CA ASN B 212 -4.29 -18.02 -21.68
C ASN B 212 -4.61 -16.57 -22.01
N MET B 213 -3.61 -15.75 -22.31
CA MET B 213 -3.88 -14.38 -22.71
C MET B 213 -4.09 -14.26 -24.21
N SER B 214 -3.28 -15.04 -24.96
CA SER B 214 -3.32 -14.84 -26.40
C SER B 214 -2.62 -15.97 -27.15
N ASN B 215 -2.62 -15.82 -28.47
CA ASN B 215 -2.06 -16.79 -29.39
C ASN B 215 -0.54 -16.66 -29.49
N SER B 216 0.01 -15.85 -28.60
CA SER B 216 1.42 -15.44 -28.74
C SER B 216 2.09 -15.51 -27.38
N ASP B 217 3.43 -15.41 -27.36
CA ASP B 217 4.04 -15.53 -26.05
C ASP B 217 4.00 -14.18 -25.36
N VAL B 218 3.45 -14.26 -24.17
CA VAL B 218 3.44 -13.10 -23.30
C VAL B 218 4.34 -13.34 -22.10
N SER B 219 5.26 -12.41 -21.84
CA SER B 219 6.03 -12.56 -20.60
C SER B 219 5.85 -11.28 -19.78
N VAL B 220 5.91 -11.51 -18.48
CA VAL B 220 5.86 -10.40 -17.54
C VAL B 220 7.19 -10.40 -16.79
N ASP B 221 7.98 -9.35 -16.96
CA ASP B 221 9.34 -9.34 -16.37
C ASP B 221 9.44 -8.40 -15.17
N ALA B 222 8.52 -7.45 -15.03
CA ALA B 222 8.70 -6.48 -13.97
C ALA B 222 7.38 -6.05 -13.37
N MET B 223 7.48 -5.59 -12.13
CA MET B 223 6.27 -5.17 -11.42
C MET B 223 6.69 -4.15 -10.37
N ILE B 224 6.12 -2.97 -10.51
CA ILE B 224 6.50 -1.80 -9.73
C ILE B 224 5.28 -1.29 -8.95
N HIS B 225 5.53 -0.80 -7.74
CA HIS B 225 4.47 -0.17 -6.96
C HIS B 225 4.92 1.21 -6.51
N LYS B 226 4.23 2.31 -6.78
CA LYS B 226 4.62 3.64 -6.38
C LYS B 226 3.55 4.26 -5.50
N THR B 227 3.95 4.94 -4.44
CA THR B 227 2.99 5.35 -3.42
C THR B 227 3.32 6.74 -2.89
N TYR B 228 2.27 7.30 -2.27
CA TYR B 228 2.34 8.65 -1.72
C TYR B 228 1.44 8.71 -0.48
N ILE B 229 1.91 9.33 0.59
CA ILE B 229 1.00 9.63 1.70
C ILE B 229 1.37 10.97 2.33
N ASP B 230 0.34 11.73 2.70
CA ASP B 230 0.49 12.98 3.41
C ASP B 230 -0.45 12.93 4.60
N VAL B 231 0.15 12.93 5.79
CA VAL B 231 -0.61 12.94 7.05
C VAL B 231 -0.37 14.30 7.70
N ASN B 232 -1.44 15.08 7.88
CA ASN B 232 -1.28 16.40 8.49
C ASN B 232 -2.43 16.71 9.45
N GLU B 233 -2.53 17.95 9.95
CA GLU B 233 -3.48 18.22 11.04
C GLU B 233 -4.92 18.11 10.60
N GLU B 234 -5.13 18.34 9.29
CA GLU B 234 -6.50 18.43 8.79
C GLU B 234 -7.00 17.21 8.06
N TYR B 235 -6.11 16.51 7.33
CA TYR B 235 -6.56 15.38 6.51
C TYR B 235 -5.41 14.39 6.32
N THR B 236 -5.78 13.25 5.77
CA THR B 236 -4.80 12.37 5.15
C THR B 236 -5.11 12.24 3.65
N GLU B 237 -4.09 12.31 2.83
CA GLU B 237 -4.18 12.07 1.37
C GLU B 237 -3.23 10.94 1.01
N ALA B 238 -3.70 9.94 0.28
CA ALA B 238 -2.85 8.80 -0.06
C ALA B 238 -3.13 8.36 -1.48
N ALA B 239 -2.08 7.89 -2.16
CA ALA B 239 -2.31 7.40 -3.52
C ALA B 239 -1.32 6.28 -3.76
N ALA B 240 -1.62 5.42 -4.71
CA ALA B 240 -0.69 4.37 -5.12
C ALA B 240 -0.99 3.94 -6.56
N ALA B 241 0.03 3.38 -7.20
CA ALA B 241 -0.25 2.75 -8.51
C ALA B 241 0.69 1.57 -8.67
N THR B 242 0.26 0.57 -9.41
CA THR B 242 1.00 -0.66 -9.67
C THR B 242 1.02 -0.97 -11.17
N SER B 243 2.17 -1.42 -11.64
CA SER B 243 2.29 -1.78 -13.06
C SER B 243 2.99 -3.12 -13.19
N ALA B 244 2.50 -3.99 -14.04
CA ALA B 244 3.19 -5.22 -14.39
C ALA B 244 3.32 -5.20 -15.90
N LEU B 245 4.50 -5.51 -16.39
CA LEU B 245 4.69 -5.47 -17.85
C LEU B 245 5.90 -6.31 -18.26
N THR C 9 -3.52 10.18 33.47
CA THR C 9 -3.83 10.45 32.05
C THR C 9 -3.09 9.52 31.12
N ASN C 10 -3.81 8.68 30.36
CA ASN C 10 -3.13 7.75 29.46
C ASN C 10 -2.56 8.49 28.25
N GLU C 11 -1.48 7.95 27.72
CA GLU C 11 -0.74 8.49 26.59
C GLU C 11 -0.52 7.53 25.44
N PHE C 12 -0.73 7.99 24.20
CA PHE C 12 -0.30 7.29 23.01
C PHE C 12 0.73 8.17 22.31
N SER C 13 2.01 7.91 22.50
CA SER C 13 3.02 8.85 21.97
C SER C 13 3.89 8.14 20.92
N ALA C 14 3.57 8.40 19.67
CA ALA C 14 4.24 7.67 18.59
C ALA C 14 5.58 8.34 18.27
N ASP C 15 6.53 8.19 19.21
CA ASP C 15 7.85 8.82 19.03
C ASP C 15 8.93 7.75 18.84
N HIS C 16 8.50 6.58 18.38
CA HIS C 16 9.43 5.52 18.00
C HIS C 16 8.72 4.65 16.94
N PRO C 17 9.39 3.79 16.20
CA PRO C 17 8.77 3.19 14.99
C PRO C 17 7.43 2.53 15.25
N PHE C 18 6.51 2.76 14.31
CA PHE C 18 5.15 2.26 14.47
C PHE C 18 4.59 1.81 13.13
N ILE C 19 3.50 1.07 13.16
CA ILE C 19 2.80 0.71 11.93
C ILE C 19 1.47 1.43 11.86
N TYR C 20 1.03 1.79 10.66
CA TYR C 20 -0.23 2.50 10.52
C TYR C 20 -0.98 1.84 9.35
N VAL C 21 -2.28 1.71 9.52
CA VAL C 21 -3.18 1.07 8.56
C VAL C 21 -4.35 2.00 8.22
N ILE C 22 -4.58 2.27 6.94
CA ILE C 22 -5.79 2.98 6.54
C ILE C 22 -6.82 1.95 6.11
N ARG C 23 -8.01 1.95 6.74
CA ARG C 23 -8.93 0.87 6.38
C ARG C 23 -10.38 1.37 6.36
N HIS C 24 -11.19 0.56 5.68
CA HIS C 24 -12.64 0.75 5.67
C HIS C 24 -13.17 0.21 6.99
N VAL C 25 -14.00 0.96 7.70
CA VAL C 25 -14.36 0.41 9.02
C VAL C 25 -15.33 -0.74 8.76
N ASP C 26 -15.12 -1.80 9.54
CA ASP C 26 -15.80 -3.07 9.26
C ASP C 26 -15.36 -3.65 7.94
N GLY C 27 -14.26 -3.16 7.36
CA GLY C 27 -13.95 -3.68 6.04
C GLY C 27 -12.45 -3.81 5.79
N LYS C 28 -12.13 -3.58 4.53
CA LYS C 28 -10.83 -3.97 4.06
C LYS C 28 -9.77 -2.91 4.36
N ILE C 29 -8.56 -3.45 4.40
CA ILE C 29 -7.35 -2.64 4.43
C ILE C 29 -7.05 -1.98 3.10
N LEU C 30 -6.87 -0.68 3.17
CA LEU C 30 -6.64 0.12 1.96
C LEU C 30 -5.16 0.44 1.77
N PHE C 31 -4.46 0.76 2.86
CA PHE C 31 -3.04 1.11 2.81
C PHE C 31 -2.42 0.63 4.13
N VAL C 32 -1.14 0.31 4.12
CA VAL C 32 -0.47 -0.14 5.34
C VAL C 32 0.97 0.37 5.25
N GLY C 33 1.48 0.93 6.35
CA GLY C 33 2.83 1.48 6.32
C GLY C 33 3.58 1.27 7.62
N ARG C 34 4.90 1.45 7.53
CA ARG C 34 5.79 1.50 8.68
C ARG C 34 6.41 2.89 8.68
N TYR C 35 6.29 3.56 9.82
CA TYR C 35 6.99 4.82 10.06
C TYR C 35 8.28 4.45 10.82
N SER C 36 9.42 4.58 10.17
CA SER C 36 10.72 4.27 10.75
C SER C 36 11.53 5.51 11.08
N SER C 37 11.29 6.55 10.26
CA SER C 37 12.11 7.74 10.41
C SER C 37 11.46 8.95 9.74
N PRO C 38 11.71 10.08 10.37
CA PRO C 38 11.34 11.40 9.81
C PRO C 38 12.00 11.66 8.47
N THR C 39 11.24 12.18 7.51
CA THR C 39 11.83 12.44 6.19
C THR C 39 11.88 13.94 5.93
P PO4 D . -1.51 -12.54 6.10
O1 PO4 D . -1.19 -12.48 4.41
O2 PO4 D . -0.17 -13.23 6.89
O3 PO4 D . -2.01 -11.04 6.65
O4 PO4 D . -2.95 -13.40 6.13
#